data_5ZBZ
#
_entry.id   5ZBZ
#
_cell.length_a   73.471
_cell.length_b   56.630
_cell.length_c   66.324
_cell.angle_alpha   90.000
_cell.angle_beta   116.775
_cell.angle_gamma   90.000
#
_symmetry.space_group_name_H-M   'C 1 2 1'
#
loop_
_entity.id
_entity.type
_entity.pdbx_description
1 polymer 'Eukaryotic initiation factor 4A-I'
2 non-polymer 13-methyl[1,3]benzodioxolo[5,6-c][1,3]dioxolo[4,5-i]phenanthridin-13-ium
3 non-polymer 'MALONATE ION'
4 water water
#
_entity_poly.entity_id   1
_entity_poly.type   'polypeptide(L)'
_entity_poly.pdbx_seq_one_letter_code
;GEGVIESNWNEIVDSFDDMNLSESLLRGIYAYGFE(MLY)PSAIQQRAILPCI(MLY)GYDVIAQAQSGTG(MLY)TATF
AISILQQIELDL(MLY)ATQALVLAPTRELAQQIQ(MLY)VVMALGDYMGASCHACIGGTNVRAEVQ(MLY)LQMEAPHI
IVGTPGRVFDMLNRRYLSP(MLY)YI(MLY)MFVLDEADEMLSRGF(MLY)DQIYDIFQ(MLY)LNSNTQVVLLSATMPS
DVLEVT(MLY)(MLY)FMRDPIRILV(MLY)(MLY)
;
_entity_poly.pdbx_strand_id   A
#
loop_
_chem_comp.id
_chem_comp.type
_chem_comp.name
_chem_comp.formula
MLI non-polymer 'MALONATE ION' 'C3 H2 O4 -2'
SAU non-polymer 13-methyl[1,3]benzodioxolo[5,6-c][1,3]dioxolo[4,5-i]phenanthridin-13-ium 'C20 H14 N O4 1'
#
# COMPACT_ATOMS: atom_id res chain seq x y z
N GLY A 3 20.80 4.34 2.80
CA GLY A 3 20.69 4.74 4.19
C GLY A 3 19.86 3.79 5.03
N VAL A 4 19.95 3.99 6.35
CA VAL A 4 19.24 3.18 7.34
C VAL A 4 18.58 4.13 8.34
N ILE A 5 17.28 3.91 8.59
CA ILE A 5 16.55 4.75 9.51
C ILE A 5 16.72 4.25 10.94
N GLU A 6 16.31 5.07 11.90
CA GLU A 6 16.30 4.72 13.31
C GLU A 6 14.84 4.49 13.70
N SER A 7 14.54 3.31 14.25
CA SER A 7 13.19 3.04 14.72
C SER A 7 12.80 4.03 15.81
N ASN A 8 11.53 4.41 15.82
CA ASN A 8 10.94 5.07 16.99
C ASN A 8 9.77 4.28 17.54
N TRP A 9 9.49 3.11 16.98
CA TRP A 9 8.36 2.28 17.36
C TRP A 9 8.80 0.83 17.38
N ASN A 10 8.65 0.18 18.53
CA ASN A 10 9.05 -1.21 18.67
C ASN A 10 8.06 -1.99 19.51
N GLU A 11 6.79 -1.62 19.46
CA GLU A 11 5.75 -2.40 20.12
C GLU A 11 5.43 -3.63 19.28
N ILE A 12 5.36 -4.78 19.95
CA ILE A 12 5.19 -6.08 19.33
C ILE A 12 3.80 -6.59 19.65
N VAL A 13 3.06 -6.98 18.62
CA VAL A 13 1.82 -7.75 18.77
C VAL A 13 2.11 -9.10 18.12
N ASP A 14 2.18 -10.15 18.93
CA ASP A 14 2.71 -11.41 18.44
C ASP A 14 1.63 -12.38 17.93
N SER A 15 0.38 -11.95 17.82
CA SER A 15 -0.70 -12.79 17.34
C SER A 15 -1.65 -11.96 16.51
N PHE A 16 -2.07 -12.49 15.36
CA PHE A 16 -3.07 -11.81 14.56
C PHE A 16 -4.38 -11.66 15.34
N ASP A 17 -4.66 -12.59 16.25
CA ASP A 17 -5.91 -12.55 17.01
C ASP A 17 -5.95 -11.38 17.99
N ASP A 18 -4.81 -10.76 18.27
CA ASP A 18 -4.73 -9.63 19.20
C ASP A 18 -4.68 -8.28 18.48
N MET A 19 -4.95 -8.26 17.18
CA MET A 19 -4.85 -7.03 16.40
C MET A 19 -6.21 -6.39 16.12
N ASN A 20 -7.29 -6.92 16.71
CA ASN A 20 -8.62 -6.33 16.54
C ASN A 20 -9.04 -6.28 15.07
N LEU A 21 -8.67 -7.30 14.30
CA LEU A 21 -9.03 -7.34 12.89
C LEU A 21 -10.44 -7.89 12.72
N SER A 22 -11.05 -7.54 11.61
CA SER A 22 -12.34 -8.12 11.26
C SER A 22 -12.22 -9.63 11.08
N GLU A 23 -13.28 -10.35 11.45
CA GLU A 23 -13.23 -11.81 11.37
C GLU A 23 -12.95 -12.29 9.96
N SER A 24 -13.55 -11.66 8.95
CA SER A 24 -13.36 -12.13 7.58
C SER A 24 -11.91 -11.91 7.11
N LEU A 25 -11.29 -10.82 7.57
CA LEU A 25 -9.89 -10.58 7.24
C LEU A 25 -8.99 -11.60 7.94
N LEU A 26 -9.25 -11.87 9.21
CA LEU A 26 -8.50 -12.89 9.93
C LEU A 26 -8.61 -14.24 9.22
N ARG A 27 -9.82 -14.60 8.75
CA ARG A 27 -9.97 -15.85 8.01
C ARG A 27 -9.09 -15.88 6.76
N GLY A 28 -8.98 -14.75 6.07
CA GLY A 28 -8.11 -14.67 4.90
C GLY A 28 -6.63 -14.77 5.23
N ILE A 29 -6.19 -14.16 6.32
CA ILE A 29 -4.80 -14.25 6.76
C ILE A 29 -4.41 -15.70 6.97
N TYR A 30 -5.23 -16.45 7.72
CA TYR A 30 -4.87 -17.84 8.00
C TYR A 30 -4.98 -18.70 6.76
N ALA A 31 -5.97 -18.44 5.91
CA ALA A 31 -6.11 -19.22 4.69
C ALA A 31 -4.95 -18.98 3.74
N TYR A 32 -4.27 -17.85 3.85
CA TYR A 32 -3.12 -17.55 2.99
C TYR A 32 -1.88 -18.38 3.36
N GLY A 33 -1.82 -18.88 4.58
CA GLY A 33 -0.68 -19.62 5.07
C GLY A 33 -0.03 -19.06 6.30
N PHE A 34 -0.42 -17.88 6.76
CA PHE A 34 0.21 -17.29 7.93
C PHE A 34 -0.27 -17.96 9.21
N GLU A 35 0.62 -18.07 10.16
CA GLU A 35 0.29 -18.59 11.48
C GLU A 35 0.62 -17.49 12.48
N MLY A 36 1.89 -17.21 12.62
CA MLY A 36 2.35 -16.16 13.50
CB MLY A 36 3.50 -16.68 14.37
CG MLY A 36 3.14 -17.94 15.20
CD MLY A 36 1.88 -17.77 16.09
CE MLY A 36 2.21 -17.31 17.51
NZ MLY A 36 1.18 -16.35 18.06
CH1 MLY A 36 -0.18 -16.93 17.98
CH2 MLY A 36 1.48 -16.18 19.49
C MLY A 36 2.81 -14.97 12.66
O MLY A 36 3.41 -15.15 11.62
HA MLY A 36 1.62 -15.88 14.08
HB2 MLY A 36 3.74 -15.98 15.00
HB3 MLY A 36 4.35 -16.91 13.73
HG2 MLY A 36 3.89 -18.14 15.79
HG3 MLY A 36 2.98 -18.77 14.53
HD2 MLY A 36 1.43 -18.62 16.16
HD3 MLY A 36 1.22 -17.04 15.62
HE2 MLY A 36 3.06 -16.86 17.51
HE3 MLY A 36 2.27 -18.18 18.16
HH11 MLY A 36 -0.90 -16.22 18.38
HH12 MLY A 36 -0.21 -17.85 18.56
HH13 MLY A 36 -0.41 -17.15 16.94
HH21 MLY A 36 0.70 -15.57 19.95
HH22 MLY A 36 2.44 -15.67 19.60
HH23 MLY A 36 1.52 -17.15 19.98
N PRO A 37 2.50 -13.76 13.12
CA PRO A 37 3.02 -12.62 12.36
C PRO A 37 4.54 -12.56 12.34
N SER A 38 5.07 -12.16 11.18
CA SER A 38 6.49 -11.91 11.05
C SER A 38 6.88 -10.65 11.80
N ALA A 39 8.18 -10.42 11.88
CA ALA A 39 8.69 -9.27 12.63
C ALA A 39 8.09 -7.95 12.15
N ILE A 40 8.05 -7.74 10.82
CA ILE A 40 7.49 -6.46 10.37
C ILE A 40 6.00 -6.40 10.67
N GLN A 41 5.28 -7.53 10.54
CA GLN A 41 3.85 -7.57 10.82
C GLN A 41 3.57 -7.27 12.29
N GLN A 42 4.40 -7.82 13.17
CA GLN A 42 4.22 -7.60 14.61
C GLN A 42 4.31 -6.13 14.98
N ARG A 43 5.07 -5.33 14.24
CA ARG A 43 5.34 -3.94 14.56
C ARG A 43 4.53 -2.97 13.76
N ALA A 44 4.28 -3.23 12.49
CA ALA A 44 3.72 -2.20 11.61
C ALA A 44 2.21 -2.25 11.42
N ILE A 45 1.56 -3.41 11.58
CA ILE A 45 0.14 -3.48 11.26
C ILE A 45 -0.67 -2.54 12.14
N LEU A 46 -0.45 -2.56 13.45
CA LEU A 46 -1.24 -1.72 14.34
C LEU A 46 -1.11 -0.23 14.05
N PRO A 47 0.08 0.36 13.95
CA PRO A 47 0.12 1.79 13.62
C PRO A 47 -0.51 2.10 12.27
N CYS A 48 -0.35 1.21 11.29
CA CYS A 48 -0.97 1.45 10.00
C CYS A 48 -2.49 1.45 10.10
N ILE A 49 -3.07 0.50 10.81
CA ILE A 49 -4.52 0.43 10.92
C ILE A 49 -5.06 1.65 11.65
N MLY A 50 -4.30 2.12 12.64
CA MLY A 50 -4.70 3.29 13.42
CB MLY A 50 -3.91 3.35 14.72
CG MLY A 50 -4.35 2.25 15.73
CD MLY A 50 -3.97 2.55 17.18
CE MLY A 50 -4.51 3.91 17.66
NZ MLY A 50 -5.36 3.88 18.90
CH1 MLY A 50 -5.38 5.25 19.41
CH2 MLY A 50 -6.75 3.59 18.48
C MLY A 50 -4.58 4.59 12.64
O MLY A 50 -5.04 5.63 13.09
H MLY A 50 -3.54 1.79 12.87
HA MLY A 50 -5.65 3.18 13.66
HB2 MLY A 50 -4.06 4.22 15.14
HB3 MLY A 50 -2.85 3.24 14.50
HG2 MLY A 50 -3.93 1.41 15.49
HG3 MLY A 50 -5.43 2.14 15.68
HD2 MLY A 50 -3.00 2.58 17.26
HD3 MLY A 50 -4.35 1.76 17.84
HE2 MLY A 50 -5.06 4.28 16.95
HE3 MLY A 50 -3.67 4.58 17.84
HH11 MLY A 50 -5.98 5.29 20.31
HH12 MLY A 50 -5.80 5.92 18.64
HH13 MLY A 50 -4.36 5.57 19.63
HH21 MLY A 50 -7.41 3.66 19.34
HH22 MLY A 50 -6.81 2.58 18.07
HH23 MLY A 50 -7.06 4.31 17.72
N GLY A 51 -3.99 4.54 11.45
CA GLY A 51 -4.01 5.67 10.56
C GLY A 51 -2.80 6.56 10.55
N TYR A 52 -1.74 6.17 11.26
CA TYR A 52 -0.53 6.96 11.32
C TYR A 52 0.28 6.85 10.01
N ASP A 53 1.01 7.90 9.71
CA ASP A 53 2.02 7.79 8.67
C ASP A 53 3.16 6.90 9.17
N VAL A 54 3.64 6.01 8.30
CA VAL A 54 4.61 4.97 8.68
C VAL A 54 5.69 4.85 7.62
N ILE A 55 6.95 4.84 8.06
CA ILE A 55 8.12 4.55 7.25
C ILE A 55 8.63 3.20 7.72
N ALA A 56 8.69 2.22 6.82
CA ALA A 56 9.15 0.89 7.19
C ALA A 56 10.34 0.49 6.32
N GLN A 57 11.48 0.23 6.95
CA GLN A 57 12.63 -0.29 6.24
C GLN A 57 12.71 -1.78 6.48
N ALA A 58 12.55 -2.57 5.41
CA ALA A 58 12.49 -4.00 5.53
C ALA A 58 12.89 -4.60 4.18
N GLN A 59 13.49 -5.77 4.26
CA GLN A 59 14.01 -6.46 3.09
C GLN A 59 12.92 -7.35 2.47
N SER A 60 13.24 -7.94 1.33
CA SER A 60 12.39 -8.95 0.74
C SER A 60 12.29 -10.16 1.66
N GLY A 61 11.17 -10.88 1.54
CA GLY A 61 10.97 -12.09 2.32
C GLY A 61 10.54 -11.87 3.75
N THR A 62 10.17 -10.65 4.09
CA THR A 62 9.80 -10.33 5.45
C THR A 62 8.30 -10.41 5.73
N GLY A 63 7.46 -10.52 4.71
CA GLY A 63 6.01 -10.43 4.85
C GLY A 63 5.52 -8.98 4.80
N MLY A 64 6.33 -8.11 4.24
CA MLY A 64 5.97 -6.70 4.15
CB MLY A 64 7.16 -5.82 3.79
CG MLY A 64 7.78 -6.15 2.48
CD MLY A 64 8.99 -5.24 2.25
CE MLY A 64 9.76 -5.65 1.01
NZ MLY A 64 10.52 -4.57 0.25
CH1 MLY A 64 10.28 -3.15 0.61
CH2 MLY A 64 11.93 -4.92 0.13
C MLY A 64 4.78 -6.42 3.22
O MLY A 64 4.03 -5.47 3.45
H MLY A 64 7.11 -8.29 3.91
HA MLY A 64 5.68 -6.42 5.05
HB2 MLY A 64 7.85 -5.94 4.47
HB3 MLY A 64 6.85 -4.78 3.77
HG2 MLY A 64 7.14 -6.00 1.76
HG3 MLY A 64 8.10 -7.20 2.46
HD2 MLY A 64 9.58 -5.30 3.01
HD3 MLY A 64 8.64 -4.21 2.15
HE2 MLY A 64 9.12 -6.03 0.38
HE3 MLY A 64 10.47 -6.42 1.30
HH11 MLY A 64 10.89 -2.51 -0.02
HH12 MLY A 64 10.56 -3.00 1.66
HH13 MLY A 64 9.23 -2.91 0.47
HH21 MLY A 64 12.46 -4.08 -0.32
HH22 MLY A 64 12.03 -5.80 -0.51
HH23 MLY A 64 12.34 -5.12 1.11
N THR A 65 4.61 -7.22 2.16
CA THR A 65 3.47 -7.05 1.28
C THR A 65 2.17 -7.27 2.05
N ALA A 66 2.10 -8.39 2.77
CA ALA A 66 0.89 -8.68 3.53
C ALA A 66 0.64 -7.64 4.60
N THR A 67 1.71 -7.03 5.12
CA THR A 67 1.56 -6.02 6.15
C THR A 67 0.69 -4.87 5.68
N PHE A 68 1.05 -4.22 4.58
CA PHE A 68 0.22 -3.12 4.14
C PHE A 68 -1.09 -3.61 3.52
N ALA A 69 -1.12 -4.82 2.97
CA ALA A 69 -2.39 -5.30 2.47
C ALA A 69 -3.40 -5.50 3.59
N ILE A 70 -3.00 -6.12 4.70
CA ILE A 70 -3.87 -6.29 5.86
C ILE A 70 -4.34 -4.93 6.36
N SER A 71 -3.41 -3.99 6.48
CA SER A 71 -3.75 -2.67 7.01
C SER A 71 -4.79 -1.96 6.13
N ILE A 72 -4.60 -2.00 4.82
CA ILE A 72 -5.59 -1.43 3.89
C ILE A 72 -6.94 -2.12 4.02
N LEU A 73 -6.94 -3.45 4.02
CA LEU A 73 -8.20 -4.18 3.98
C LEU A 73 -8.99 -3.92 5.25
N GLN A 74 -8.32 -3.77 6.38
CA GLN A 74 -9.01 -3.50 7.64
C GLN A 74 -9.71 -2.15 7.61
N GLN A 75 -9.18 -1.20 6.85
CA GLN A 75 -9.73 0.15 6.86
C GLN A 75 -10.78 0.39 5.78
N ILE A 76 -10.90 -0.48 4.78
CA ILE A 76 -11.83 -0.25 3.68
C ILE A 76 -13.25 -0.28 4.20
N GLU A 77 -14.07 0.65 3.70
CA GLU A 77 -15.53 0.56 3.85
C GLU A 77 -16.05 -0.23 2.65
N LEU A 78 -16.43 -1.49 2.88
CA LEU A 78 -16.71 -2.40 1.78
C LEU A 78 -17.95 -2.01 1.01
N ASP A 79 -18.90 -1.37 1.67
CA ASP A 79 -20.15 -0.99 1.02
C ASP A 79 -20.06 0.36 0.33
N LEU A 80 -18.91 1.03 0.40
CA LEU A 80 -18.66 2.19 -0.43
C LEU A 80 -17.98 1.74 -1.72
N MLY A 81 -18.71 1.83 -2.83
CA MLY A 81 -18.18 1.39 -4.11
CB MLY A 81 -19.31 0.91 -5.03
CG MLY A 81 -19.57 -0.59 -4.94
CD MLY A 81 -20.22 -1.00 -3.62
CE MLY A 81 -21.71 -0.71 -3.64
NZ MLY A 81 -22.18 -0.13 -2.33
CH1 MLY A 81 -22.71 1.22 -2.61
CH2 MLY A 81 -23.28 -0.94 -1.81
C MLY A 81 -17.37 2.51 -4.77
O MLY A 81 -17.81 3.16 -5.72
HA MLY A 81 -17.58 0.64 -3.96
HB2 MLY A 81 -19.07 1.12 -5.94
HB3 MLY A 81 -20.23 1.45 -4.76
HG2 MLY A 81 -18.72 -1.06 -5.02
HG3 MLY A 81 -20.22 -0.89 -5.76
HD2 MLY A 81 -19.81 -0.48 -2.91
HD3 MLY A 81 -20.04 -2.06 -3.45
HE2 MLY A 81 -22.19 -1.54 -3.77
HE3 MLY A 81 -21.94 -0.01 -4.45
HH11 MLY A 81 -23.05 1.67 -1.68
HH12 MLY A 81 -23.54 1.15 -3.31
HH13 MLY A 81 -21.92 1.84 -3.03
HH21 MLY A 81 -23.69 -0.46 -0.92
HH22 MLY A 81 -22.91 -1.93 -1.54
HH23 MLY A 81 -24.05 -1.04 -2.56
N ALA A 82 -16.17 2.70 -4.23
CA ALA A 82 -15.29 3.78 -4.66
C ALA A 82 -13.88 3.41 -4.23
N THR A 83 -12.90 3.99 -4.90
CA THR A 83 -11.49 3.70 -4.62
C THR A 83 -11.06 4.44 -3.37
N GLN A 84 -10.55 3.68 -2.41
CA GLN A 84 -10.21 4.21 -1.10
C GLN A 84 -8.74 4.08 -0.73
N ALA A 85 -7.97 3.32 -1.50
CA ALA A 85 -6.55 3.14 -1.24
C ALA A 85 -5.84 3.02 -2.58
N LEU A 86 -4.65 3.59 -2.63
CA LEU A 86 -3.82 3.62 -3.82
C LEU A 86 -2.42 3.17 -3.42
N VAL A 87 -1.91 2.13 -4.10
CA VAL A 87 -0.58 1.59 -3.85
C VAL A 87 0.24 1.76 -5.13
N LEU A 88 1.45 2.31 -4.99
CA LEU A 88 2.40 2.44 -6.08
C LEU A 88 3.53 1.44 -5.91
N ALA A 89 3.96 0.89 -7.04
CA ALA A 89 5.06 -0.06 -7.11
C ALA A 89 5.93 0.30 -8.31
N PRO A 90 7.20 -0.09 -8.30
CA PRO A 90 8.13 0.31 -9.37
C PRO A 90 7.97 -0.45 -10.65
N THR A 91 7.36 -1.64 -10.62
CA THR A 91 7.33 -2.51 -11.79
C THR A 91 5.95 -3.15 -11.91
N ARG A 92 5.63 -3.57 -13.14
CA ARG A 92 4.36 -4.25 -13.36
C ARG A 92 4.31 -5.57 -12.60
N GLU A 93 5.46 -6.24 -12.43
CA GLU A 93 5.44 -7.53 -11.75
C GLU A 93 5.12 -7.36 -10.28
N LEU A 94 5.72 -6.36 -9.63
CA LEU A 94 5.40 -6.13 -8.22
C LEU A 94 3.97 -5.64 -8.05
N ALA A 95 3.47 -4.81 -8.98
CA ALA A 95 2.07 -4.40 -8.90
C ALA A 95 1.14 -5.58 -8.97
N GLN A 96 1.44 -6.54 -9.83
CA GLN A 96 0.61 -7.73 -9.94
C GLN A 96 0.77 -8.63 -8.70
N GLN A 97 1.99 -8.77 -8.18
CA GLN A 97 2.18 -9.50 -6.93
C GLN A 97 1.30 -8.94 -5.83
N ILE A 98 1.31 -7.61 -5.68
CA ILE A 98 0.50 -6.96 -4.65
C ILE A 98 -0.98 -7.22 -4.88
N GLN A 99 -1.46 -7.07 -6.12
CA GLN A 99 -2.86 -7.30 -6.43
C GLN A 99 -3.30 -8.68 -5.96
N MLY A 100 -2.50 -9.69 -6.23
CA MLY A 100 -2.89 -11.03 -5.87
CB MLY A 100 -2.03 -12.06 -6.62
CG MLY A 100 -2.39 -12.15 -8.09
CD MLY A 100 -3.74 -12.74 -8.33
CE MLY A 100 -3.95 -12.88 -9.82
NZ MLY A 100 -5.30 -13.38 -10.14
CH1 MLY A 100 -6.26 -12.28 -9.94
CH2 MLY A 100 -5.24 -13.66 -11.59
C MLY A 100 -2.84 -11.29 -4.37
O MLY A 100 -3.68 -12.03 -3.85
H MLY A 100 -1.73 -9.62 -6.61
HA MLY A 100 -3.82 -11.17 -6.16
HB2 MLY A 100 -2.19 -12.94 -6.22
HB3 MLY A 100 -0.98 -11.80 -6.52
HG2 MLY A 100 -1.73 -12.71 -8.53
HG3 MLY A 100 -2.35 -11.15 -8.52
HD2 MLY A 100 -4.43 -12.14 -7.99
HD3 MLY A 100 -3.83 -13.72 -7.86
HE2 MLY A 100 -3.29 -13.52 -10.16
HE3 MLY A 100 -3.79 -11.92 -10.29
HH11 MLY A 100 -7.26 -12.63 -10.18
HH12 MLY A 100 -6.00 -11.45 -10.60
HH13 MLY A 100 -6.22 -11.95 -8.91
HH21 MLY A 100 -6.23 -13.93 -11.95
HH22 MLY A 100 -4.55 -14.48 -11.78
HH23 MLY A 100 -4.90 -12.77 -12.12
N VAL A 101 -1.86 -10.70 -3.66
CA VAL A 101 -1.83 -10.77 -2.20
C VAL A 101 -3.09 -10.16 -1.60
N VAL A 102 -3.44 -8.98 -2.08
CA VAL A 102 -4.62 -8.30 -1.58
C VAL A 102 -5.87 -9.13 -1.87
N MET A 103 -6.01 -9.64 -3.09
CA MET A 103 -7.22 -10.38 -3.43
C MET A 103 -7.34 -11.66 -2.60
N ALA A 104 -6.22 -12.33 -2.33
CA ALA A 104 -6.27 -13.54 -1.52
C ALA A 104 -6.63 -13.23 -0.09
N LEU A 105 -5.94 -12.27 0.52
CA LEU A 105 -6.21 -11.92 1.91
C LEU A 105 -7.63 -11.39 2.09
N GLY A 106 -8.19 -10.75 1.06
CA GLY A 106 -9.52 -10.18 1.10
C GLY A 106 -10.61 -11.06 0.54
N ASP A 107 -10.34 -12.33 0.31
CA ASP A 107 -11.29 -13.16 -0.41
C ASP A 107 -12.59 -13.35 0.37
N TYR A 108 -12.54 -13.42 1.68
CA TYR A 108 -13.79 -13.59 2.41
C TYR A 108 -14.51 -12.28 2.64
N MET A 109 -13.89 -11.17 2.26
CA MET A 109 -14.47 -9.86 2.49
C MET A 109 -15.18 -9.31 1.27
N GLY A 110 -14.86 -9.79 0.08
CA GLY A 110 -15.41 -9.19 -1.12
C GLY A 110 -14.79 -7.86 -1.47
N ALA A 111 -13.53 -7.67 -1.10
CA ALA A 111 -12.82 -6.47 -1.50
C ALA A 111 -12.35 -6.63 -2.94
N SER A 112 -12.35 -5.51 -3.66
CA SER A 112 -11.90 -5.47 -5.04
C SER A 112 -10.60 -4.69 -5.18
N CYS A 113 -9.72 -5.19 -6.03
CA CYS A 113 -8.42 -4.60 -6.23
C CYS A 113 -8.04 -4.78 -7.69
N HIS A 114 -7.71 -3.68 -8.36
CA HIS A 114 -7.34 -3.73 -9.76
C HIS A 114 -5.90 -3.27 -9.88
N ALA A 115 -5.14 -3.88 -10.79
CA ALA A 115 -3.80 -3.42 -11.12
C ALA A 115 -3.82 -2.50 -12.33
N CYS A 116 -3.11 -1.38 -12.24
CA CYS A 116 -3.02 -0.33 -13.25
C CYS A 116 -1.59 -0.29 -13.76
N ILE A 117 -1.35 -1.05 -14.84
CA ILE A 117 -0.01 -1.34 -15.31
C ILE A 117 0.16 -1.12 -16.80
N GLY A 118 -0.93 -0.96 -17.52
CA GLY A 118 -0.77 -0.70 -18.95
C GLY A 118 -0.31 -1.93 -19.74
N GLY A 119 0.29 -1.67 -20.90
CA GLY A 119 0.84 -2.75 -21.71
C GLY A 119 -0.23 -3.55 -22.46
N THR A 120 -0.09 -4.88 -22.37
CA THR A 120 -0.69 -5.84 -23.29
C THR A 120 -2.20 -5.74 -23.35
N ASN A 121 -2.84 -5.45 -22.23
CA ASN A 121 -4.28 -5.59 -22.05
C ASN A 121 -4.85 -4.28 -21.51
N VAL A 122 -4.17 -3.18 -21.81
CA VAL A 122 -4.52 -1.89 -21.20
C VAL A 122 -5.97 -1.48 -21.48
N ARG A 123 -6.52 -1.84 -22.64
CA ARG A 123 -7.90 -1.42 -22.90
C ARG A 123 -8.91 -2.15 -22.02
N ALA A 124 -8.64 -3.40 -21.65
CA ALA A 124 -9.52 -4.07 -20.70
C ALA A 124 -9.40 -3.46 -19.32
N GLU A 125 -8.18 -3.07 -18.95
CA GLU A 125 -7.95 -2.35 -17.70
C GLU A 125 -8.86 -1.13 -17.60
N VAL A 126 -8.82 -0.26 -18.61
CA VAL A 126 -9.54 1.00 -18.51
C VAL A 126 -11.04 0.78 -18.59
N GLN A 127 -11.49 -0.19 -19.38
CA GLN A 127 -12.92 -0.49 -19.42
C GLN A 127 -13.43 -0.96 -18.05
N MLY A 128 -12.70 -1.86 -17.39
CA MLY A 128 -13.10 -2.31 -16.06
CB MLY A 128 -12.09 -3.29 -15.45
CG MLY A 128 -12.15 -4.68 -16.04
CD MLY A 128 -11.52 -5.68 -15.08
CE MLY A 128 -10.41 -6.49 -15.73
NZ MLY A 128 -10.92 -7.57 -16.60
CH1 MLY A 128 -9.78 -8.02 -17.39
CH2 MLY A 128 -11.31 -8.72 -15.77
C MLY A 128 -13.31 -1.12 -15.10
O MLY A 128 -14.15 -1.19 -14.22
H MLY A 128 -11.98 -2.22 -17.69
HA MLY A 128 -13.96 -2.77 -16.13
HB2 MLY A 128 -12.27 -3.36 -14.51
HB3 MLY A 128 -11.09 -2.88 -15.59
HG2 MLY A 128 -11.64 -4.69 -16.87
HG3 MLY A 128 -13.19 -4.95 -16.23
HD2 MLY A 128 -12.21 -6.30 -14.78
HD3 MLY A 128 -11.12 -5.15 -14.21
HE2 MLY A 128 -9.88 -6.90 -15.03
HE3 MLY A 128 -9.79 -5.82 -16.32
HH11 MLY A 128 -10.09 -8.82 -18.07
HH12 MLY A 128 -9.00 -8.39 -16.73
HH13 MLY A 128 -9.39 -7.19 -17.98
HH21 MLY A 128 -11.58 -9.56 -16.42
HH22 MLY A 128 -12.16 -8.45 -15.15
HH23 MLY A 128 -10.46 -9.00 -15.15
N LEU A 129 -12.52 -0.07 -15.27
CA LEU A 129 -12.64 1.12 -14.41
C LEU A 129 -13.93 1.90 -14.67
N GLN A 130 -14.25 2.14 -15.94
CA GLN A 130 -15.50 2.83 -16.25
C GLN A 130 -16.69 2.10 -15.67
N MET A 131 -16.61 0.77 -15.59
CA MET A 131 -17.72 -0.03 -15.11
C MET A 131 -17.97 0.22 -13.63
N GLU A 132 -17.07 -0.26 -12.75
CA GLU A 132 -17.16 0.02 -11.33
C GLU A 132 -15.78 0.34 -10.78
N ALA A 133 -15.73 1.29 -9.83
CA ALA A 133 -14.47 1.69 -9.24
C ALA A 133 -14.05 0.70 -8.16
N PRO A 134 -12.84 0.13 -8.24
CA PRO A 134 -12.42 -0.85 -7.23
C PRO A 134 -12.04 -0.17 -5.91
N HIS A 135 -12.12 -0.96 -4.84
CA HIS A 135 -11.78 -0.43 -3.52
C HIS A 135 -10.32 0.01 -3.45
N ILE A 136 -9.43 -0.74 -4.12
CA ILE A 136 -7.99 -0.57 -4.01
C ILE A 136 -7.42 -0.61 -5.42
N ILE A 137 -6.57 0.36 -5.74
CA ILE A 137 -5.81 0.36 -7.00
C ILE A 137 -4.34 0.19 -6.67
N VAL A 138 -3.64 -0.68 -7.41
CA VAL A 138 -2.19 -0.79 -7.34
C VAL A 138 -1.63 -0.62 -8.73
N GLY A 139 -0.57 0.16 -8.87
CA GLY A 139 -0.01 0.30 -10.20
C GLY A 139 1.34 0.96 -10.18
N THR A 140 1.89 1.12 -11.35
CA THR A 140 3.14 1.85 -11.48
C THR A 140 2.83 3.35 -11.63
N PRO A 141 3.76 4.23 -11.23
CA PRO A 141 3.39 5.65 -11.11
C PRO A 141 3.01 6.37 -12.39
N GLY A 142 3.60 6.02 -13.53
CA GLY A 142 3.22 6.68 -14.78
C GLY A 142 1.80 6.36 -15.17
N ARG A 143 1.43 5.09 -15.08
CA ARG A 143 0.09 4.66 -15.45
C ARG A 143 -0.93 5.21 -14.47
N VAL A 144 -0.65 5.19 -13.18
CA VAL A 144 -1.58 5.73 -12.22
C VAL A 144 -1.75 7.23 -12.40
N PHE A 145 -0.67 7.95 -12.62
CA PHE A 145 -0.82 9.38 -12.85
C PHE A 145 -1.65 9.64 -14.09
N ASP A 146 -1.43 8.87 -15.15
CA ASP A 146 -2.26 9.03 -16.35
C ASP A 146 -3.74 8.77 -16.05
N MET A 147 -4.06 7.74 -15.28
CA MET A 147 -5.45 7.45 -14.97
C MET A 147 -6.10 8.54 -14.13
N LEU A 148 -5.34 9.18 -13.25
CA LEU A 148 -5.88 10.32 -12.51
C LEU A 148 -6.07 11.52 -13.42
N ASN A 149 -5.06 11.81 -14.25
CA ASN A 149 -5.10 12.96 -15.14
C ASN A 149 -6.25 12.83 -16.14
N ARG A 150 -6.48 11.62 -16.63
CA ARG A 150 -7.55 11.38 -17.59
C ARG A 150 -8.89 11.16 -16.92
N ARG A 151 -8.98 11.27 -15.61
CA ARG A 151 -10.22 11.21 -14.88
C ARG A 151 -10.87 9.82 -14.90
N TYR A 152 -10.08 8.75 -15.15
CA TYR A 152 -10.61 7.40 -14.97
C TYR A 152 -10.63 6.99 -13.51
N LEU A 153 -9.72 7.54 -12.71
CA LEU A 153 -9.66 7.29 -11.28
C LEU A 153 -9.96 8.58 -10.55
N SER A 154 -10.85 8.52 -9.56
CA SER A 154 -11.15 9.70 -8.79
C SER A 154 -10.36 9.68 -7.49
N PRO A 155 -9.79 10.81 -7.09
CA PRO A 155 -9.15 10.87 -5.78
C PRO A 155 -10.13 11.16 -4.64
N MLY A 156 -11.42 11.34 -4.95
CA MLY A 156 -12.36 11.81 -3.95
CB MLY A 156 -13.75 11.89 -4.56
CG MLY A 156 -14.80 12.38 -3.57
CD MLY A 156 -16.13 12.53 -4.25
CE MLY A 156 -17.19 13.07 -3.31
NZ MLY A 156 -18.30 13.69 -4.09
CH1 MLY A 156 -19.04 12.62 -4.78
CH2 MLY A 156 -19.22 14.32 -3.13
C MLY A 156 -12.38 11.00 -2.66
O MLY A 156 -12.42 11.56 -1.56
H MLY A 156 -11.76 11.19 -5.73
HA MLY A 156 -12.10 12.72 -3.70
HB2 MLY A 156 -14.02 11.01 -4.84
HB3 MLY A 156 -13.73 12.57 -5.41
HG2 MLY A 156 -14.54 13.26 -3.24
HG3 MLY A 156 -14.89 11.68 -2.74
HD2 MLY A 156 -16.42 11.65 -4.56
HD3 MLY A 156 -16.03 13.19 -5.11
HE2 MLY A 156 -16.80 13.76 -2.75
HE3 MLY A 156 -17.58 12.27 -2.70
HH11 MLY A 156 -19.86 13.06 -5.36
HH12 MLY A 156 -19.45 11.93 -4.03
HH13 MLY A 156 -18.38 12.08 -5.45
HH21 MLY A 156 -20.09 14.69 -3.66
HH22 MLY A 156 -18.72 15.15 -2.64
HH23 MLY A 156 -19.52 13.59 -2.39
N TYR A 157 -12.32 9.67 -2.78
CA TYR A 157 -12.42 8.81 -1.60
C TYR A 157 -11.10 8.13 -1.21
N ILE A 158 -9.99 8.53 -1.81
CA ILE A 158 -8.70 7.89 -1.52
C ILE A 158 -8.17 8.41 -0.21
N MLY A 159 -8.10 7.57 0.81
CA MLY A 159 -7.62 8.02 2.10
CB MLY A 159 -8.71 7.78 3.11
CG MLY A 159 -8.53 6.59 4.00
CD MLY A 159 -9.78 6.36 4.81
CE MLY A 159 -10.92 5.99 3.84
NZ MLY A 159 -11.84 4.99 4.39
CH1 MLY A 159 -12.84 4.76 3.31
CH2 MLY A 159 -11.11 3.73 4.44
C MLY A 159 -6.32 7.35 2.53
O MLY A 159 -5.77 7.72 3.55
HA MLY A 159 -7.46 8.98 2.05
HB2 MLY A 159 -9.55 7.66 2.64
HB3 MLY A 159 -8.80 8.66 3.74
HG2 MLY A 159 -7.80 6.76 4.61
HG3 MLY A 159 -8.32 5.71 3.39
HD2 MLY A 159 -10.02 7.18 5.26
HD3 MLY A 159 -9.61 5.56 5.53
HE2 MLY A 159 -10.54 5.61 3.04
HE3 MLY A 159 -11.48 6.88 3.60
HH11 MLY A 159 -13.56 4.02 3.65
HH12 MLY A 159 -12.34 4.41 2.42
HH13 MLY A 159 -13.34 5.70 3.10
HH21 MLY A 159 -11.79 2.92 4.73
HH22 MLY A 159 -10.31 3.80 5.17
HH23 MLY A 159 -10.68 3.51 3.46
N MET A 160 -5.86 6.36 1.78
CA MET A 160 -4.59 5.68 2.06
C MET A 160 -3.74 5.64 0.81
N PHE A 161 -2.47 5.94 0.96
CA PHE A 161 -1.50 6.03 -0.15
C PHE A 161 -0.24 5.28 0.29
N VAL A 162 0.08 4.19 -0.39
CA VAL A 162 1.21 3.33 0.00
C VAL A 162 2.22 3.35 -1.13
N LEU A 163 3.48 3.60 -0.79
CA LEU A 163 4.59 3.61 -1.72
C LEU A 163 5.49 2.42 -1.37
N ASP A 164 5.41 1.36 -2.16
CA ASP A 164 6.20 0.15 -1.95
C ASP A 164 7.45 0.17 -2.82
N GLU A 165 8.56 -0.29 -2.25
CA GLU A 165 9.85 -0.28 -2.91
C GLU A 165 10.22 1.11 -3.41
N ALA A 166 10.16 2.06 -2.49
CA ALA A 166 10.27 3.47 -2.85
C ALA A 166 11.62 3.79 -3.46
N ASP A 167 12.70 3.18 -2.95
CA ASP A 167 14.02 3.44 -3.52
C ASP A 167 14.03 3.10 -5.00
N GLU A 168 13.47 1.96 -5.36
CA GLU A 168 13.46 1.52 -6.75
C GLU A 168 12.58 2.41 -7.60
N MET A 169 11.47 2.90 -7.06
CA MET A 169 10.64 3.80 -7.83
C MET A 169 11.39 5.07 -8.20
N LEU A 170 12.16 5.61 -7.27
CA LEU A 170 12.92 6.82 -7.56
C LEU A 170 14.09 6.53 -8.51
N SER A 171 14.78 5.39 -8.33
CA SER A 171 15.84 5.01 -9.26
C SER A 171 15.33 4.84 -10.68
N ARG A 172 14.09 4.41 -10.85
CA ARG A 172 13.52 4.19 -12.18
C ARG A 172 12.93 5.45 -12.79
N GLY A 173 13.08 6.59 -12.13
CA GLY A 173 12.70 7.86 -12.71
C GLY A 173 11.31 8.34 -12.43
N PHE A 174 10.61 7.79 -11.42
CA PHE A 174 9.23 8.12 -11.18
C PHE A 174 8.97 9.23 -10.18
N MLY A 175 10.03 9.94 -9.76
CA MLY A 175 9.82 11.00 -8.80
CB MLY A 175 11.11 11.77 -8.54
CG MLY A 175 10.95 12.84 -7.49
CD MLY A 175 12.31 13.51 -7.18
CE MLY A 175 12.17 14.67 -6.21
NZ MLY A 175 11.71 15.93 -6.87
CH1 MLY A 175 11.15 16.79 -5.80
CH2 MLY A 175 12.88 16.66 -7.39
C MLY A 175 8.73 12.03 -9.16
O MLY A 175 7.87 12.36 -8.37
H MLY A 175 10.84 9.83 -10.01
HA MLY A 175 9.55 10.60 -7.94
HB2 MLY A 175 11.39 12.20 -9.37
HB3 MLY A 175 11.89 11.07 -8.23
HG2 MLY A 175 10.62 12.44 -6.66
HG3 MLY A 175 10.24 13.60 -7.84
HD2 MLY A 175 12.68 13.85 -8.00
HD3 MLY A 175 12.97 12.76 -6.75
HE2 MLY A 175 13.04 14.85 -5.82
HE3 MLY A 175 11.47 14.40 -5.42
HH11 MLY A 175 10.80 17.72 -6.24
HH12 MLY A 175 11.92 17.01 -5.07
HH13 MLY A 175 10.32 16.28 -5.32
HH21 MLY A 175 12.55 17.63 -7.77
HH22 MLY A 175 13.32 16.08 -8.20
HH23 MLY A 175 13.60 16.80 -6.59
N ASP A 176 8.76 12.55 -10.38
CA ASP A 176 7.81 13.57 -10.79
C ASP A 176 6.37 13.07 -10.73
N GLN A 177 6.18 11.82 -11.17
CA GLN A 177 4.84 11.23 -11.15
C GLN A 177 4.35 11.02 -9.72
N ILE A 178 5.25 10.59 -8.84
CA ILE A 178 4.85 10.38 -7.45
C ILE A 178 4.41 11.69 -6.81
N TYR A 179 5.16 12.77 -7.03
CA TYR A 179 4.77 14.05 -6.45
C TYR A 179 3.49 14.59 -7.07
N ASP A 180 3.31 14.41 -8.37
CA ASP A 180 2.09 14.87 -9.02
C ASP A 180 0.88 14.08 -8.55
N ILE A 181 1.06 12.78 -8.30
CA ILE A 181 -0.03 11.98 -7.75
C ILE A 181 -0.42 12.53 -6.38
N PHE A 182 0.59 12.77 -5.54
CA PHE A 182 0.32 13.23 -4.17
C PHE A 182 -0.44 14.55 -4.18
N GLN A 183 -0.12 15.43 -5.11
CA GLN A 183 -0.86 16.69 -5.22
C GLN A 183 -2.34 16.51 -5.58
N MLY A 184 -2.65 15.43 -6.28
CA MLY A 184 -4.03 15.11 -6.68
CB MLY A 184 -4.04 14.08 -7.82
CG MLY A 184 -3.70 14.62 -9.20
CD MLY A 184 -4.82 15.55 -9.69
CE MLY A 184 -5.13 15.32 -11.17
NZ MLY A 184 -6.19 16.26 -11.63
CH1 MLY A 184 -5.55 17.54 -11.96
CH2 MLY A 184 -6.76 15.73 -12.87
C MLY A 184 -4.87 14.56 -5.52
O MLY A 184 -6.11 14.62 -5.56
H MLY A 184 -2.08 14.85 -6.55
HA MLY A 184 -4.47 15.93 -7.01
HB2 MLY A 184 -4.92 13.70 -7.87
HB3 MLY A 184 -3.32 13.30 -7.58
HG2 MLY A 184 -3.63 13.89 -9.82
HG3 MLY A 184 -2.76 15.17 -9.17
HD2 MLY A 184 -4.54 16.46 -9.58
HD3 MLY A 184 -5.71 15.37 -9.10
HE2 MLY A 184 -5.45 14.41 -11.29
HE3 MLY A 184 -4.22 15.47 -11.75
HH11 MLY A 184 -6.31 18.25 -12.30
HH12 MLY A 184 -4.82 17.39 -12.75
HH13 MLY A 184 -5.06 17.94 -11.07
HH21 MLY A 184 -7.46 16.45 -13.29
HH22 MLY A 184 -7.28 14.80 -12.68
HH23 MLY A 184 -5.95 15.56 -13.59
N LEU A 185 -4.21 13.97 -4.53
CA LEU A 185 -4.88 13.32 -3.42
C LEU A 185 -5.11 14.31 -2.27
N ASN A 186 -6.17 14.07 -1.50
CA ASN A 186 -6.49 14.93 -0.38
C ASN A 186 -5.28 15.02 0.54
N SER A 187 -4.94 16.23 0.98
CA SER A 187 -3.77 16.31 1.84
C SER A 187 -4.02 15.66 3.19
N ASN A 188 -5.17 14.97 3.35
CA ASN A 188 -5.52 14.24 4.57
C ASN A 188 -5.47 12.73 4.34
N THR A 189 -4.64 12.32 3.41
CA THR A 189 -4.36 10.92 3.15
C THR A 189 -3.25 10.46 4.09
N GLN A 190 -3.47 9.31 4.74
CA GLN A 190 -2.40 8.57 5.41
C GLN A 190 -1.43 8.11 4.35
N VAL A 191 -0.13 8.16 4.66
CA VAL A 191 0.92 7.73 3.74
C VAL A 191 1.78 6.68 4.44
N VAL A 192 2.01 5.56 3.77
CA VAL A 192 2.90 4.51 4.27
C VAL A 192 3.94 4.25 3.20
N LEU A 193 5.23 4.25 3.58
CA LEU A 193 6.31 4.07 2.64
C LEU A 193 7.17 2.91 3.12
N LEU A 194 7.46 1.97 2.21
CA LEU A 194 8.28 0.82 2.52
C LEU A 194 9.43 0.78 1.53
N SER A 195 10.62 0.47 2.02
CA SER A 195 11.80 0.44 1.16
C SER A 195 12.89 -0.36 1.84
N ALA A 196 13.64 -1.12 1.05
CA ALA A 196 14.77 -1.87 1.61
C ALA A 196 15.94 -0.94 1.95
N THR A 197 16.09 0.17 1.26
CA THR A 197 17.10 1.18 1.57
C THR A 197 16.43 2.53 1.71
N MET A 198 17.06 3.43 2.47
CA MET A 198 16.48 4.73 2.77
C MET A 198 17.46 5.84 2.43
N PRO A 199 17.75 6.04 1.15
CA PRO A 199 18.58 7.18 0.76
C PRO A 199 17.86 8.52 0.88
N SER A 200 18.63 9.59 0.65
CA SER A 200 18.12 10.96 0.85
C SER A 200 16.89 11.24 0.00
N ASP A 201 16.83 10.68 -1.21
CA ASP A 201 15.69 10.96 -2.07
C ASP A 201 14.41 10.32 -1.51
N VAL A 202 14.53 9.11 -0.97
CA VAL A 202 13.40 8.48 -0.32
C VAL A 202 13.01 9.23 0.94
N LEU A 203 13.99 9.64 1.75
CA LEU A 203 13.71 10.39 2.96
C LEU A 203 13.03 11.73 2.67
N GLU A 204 13.34 12.39 1.54
CA GLU A 204 12.64 13.63 1.25
C GLU A 204 11.16 13.40 0.94
N VAL A 205 10.82 12.28 0.27
CA VAL A 205 9.40 11.96 0.09
C VAL A 205 8.70 11.94 1.43
N THR A 206 9.33 11.32 2.43
CA THR A 206 8.72 11.19 3.75
C THR A 206 8.60 12.57 4.40
N MLY A 207 9.58 13.44 4.20
CA MLY A 207 9.51 14.79 4.75
CB MLY A 207 10.78 15.58 4.48
CG MLY A 207 12.08 15.01 5.01
CD MLY A 207 13.08 16.15 5.15
CE MLY A 207 14.54 15.68 5.11
NZ MLY A 207 15.57 16.73 5.46
CH1 MLY A 207 16.49 16.88 4.32
CH2 MLY A 207 14.99 18.07 5.70
C MLY A 207 8.34 15.58 4.16
O MLY A 207 7.63 16.32 4.84
H MLY A 207 10.29 13.28 3.75
HA MLY A 207 9.38 14.74 5.72
HB2 MLY A 207 10.68 16.47 4.87
HB3 MLY A 207 10.88 15.70 3.40
HG2 MLY A 207 12.43 14.36 4.38
HG3 MLY A 207 11.91 14.54 5.98
HD2 MLY A 207 12.93 16.59 6.01
HD3 MLY A 207 12.92 16.87 4.36
HE2 MLY A 207 14.73 15.38 4.21
HE3 MLY A 207 14.65 14.84 5.79
HH11 MLY A 207 17.25 17.63 4.55
HH12 MLY A 207 15.92 17.18 3.44
HH13 MLY A 207 16.97 15.92 4.13
HH21 MLY A 207 15.79 18.80 5.83
HH22 MLY A 207 14.37 18.04 6.59
HH23 MLY A 207 14.38 18.36 4.84
N MLY A 208 8.16 15.43 2.86
CA MLY A 208 7.16 16.18 2.11
CB MLY A 208 7.53 16.10 0.63
CG MLY A 208 7.22 17.32 -0.17
CD MLY A 208 8.27 18.43 0.04
CE MLY A 208 7.61 19.81 0.08
NZ MLY A 208 6.20 19.81 -0.42
CH1 MLY A 208 5.49 20.97 0.14
CH2 MLY A 208 6.18 19.88 -1.89
C MLY A 208 5.72 15.68 2.31
O MLY A 208 4.76 16.45 2.33
H MLY A 208 8.61 14.89 2.36
HA MLY A 208 7.19 17.13 2.38
HB2 MLY A 208 7.04 15.36 0.23
HB3 MLY A 208 8.61 15.90 0.54
HG2 MLY A 208 6.35 17.66 0.12
HG3 MLY A 208 7.17 17.07 -1.22
HD2 MLY A 208 8.89 18.41 -0.70
HD3 MLY A 208 8.80 18.25 0.97
HE2 MLY A 208 8.12 20.41 -0.49
HE3 MLY A 208 7.64 20.19 1.10
HH11 MLY A 208 4.46 20.98 -0.23
HH12 MLY A 208 5.99 21.89 -0.18
HH13 MLY A 208 5.49 20.91 1.22
HH21 MLY A 208 5.15 19.99 -2.23
HH22 MLY A 208 6.62 18.97 -2.30
HH23 MLY A 208 6.77 20.75 -2.21
N PHE A 209 5.57 14.36 2.46
CA PHE A 209 4.26 13.73 2.42
C PHE A 209 3.72 13.40 3.80
N MET A 210 4.59 13.29 4.80
CA MET A 210 4.18 12.73 6.08
C MET A 210 4.33 13.74 7.21
N ARG A 211 3.51 13.54 8.25
CA ARG A 211 3.60 14.31 9.48
C ARG A 211 4.07 13.38 10.59
N ASP A 212 5.22 13.68 11.18
CA ASP A 212 5.75 13.02 12.37
C ASP A 212 5.58 11.49 12.30
N PRO A 213 6.11 10.85 11.27
CA PRO A 213 5.78 9.44 11.07
C PRO A 213 6.38 8.48 12.08
N ILE A 214 5.67 7.37 12.25
CA ILE A 214 6.25 6.18 12.87
C ILE A 214 7.35 5.66 11.97
N ARG A 215 8.45 5.22 12.56
CA ARG A 215 9.61 4.69 11.84
C ARG A 215 9.90 3.30 12.39
N ILE A 216 9.94 2.31 11.49
CA ILE A 216 10.15 0.91 11.87
C ILE A 216 11.28 0.34 11.03
N LEU A 217 12.34 -0.15 11.67
CA LEU A 217 13.45 -0.84 11.02
C LEU A 217 13.39 -2.30 11.39
N VAL A 218 13.31 -3.17 10.39
CA VAL A 218 13.48 -4.59 10.60
C VAL A 218 14.85 -4.97 10.04
N MLY A 219 15.78 -5.31 10.93
CA MLY A 219 17.16 -5.50 10.48
CB MLY A 219 18.12 -5.38 11.66
CG MLY A 219 18.11 -4.01 12.32
CD MLY A 219 19.35 -3.81 13.18
CE MLY A 219 19.14 -2.71 14.22
NZ MLY A 219 20.27 -2.49 15.19
CH1 MLY A 219 19.98 -3.22 16.43
CH2 MLY A 219 21.57 -2.95 14.66
C MLY A 219 17.33 -6.83 9.78
O MLY A 219 16.58 -7.78 10.01
H MLY A 219 15.65 -5.42 11.77
HA MLY A 219 17.38 -4.79 9.84
HB2 MLY A 219 19.03 -5.54 11.33
HB3 MLY A 219 17.88 -6.14 12.40
HG2 MLY A 219 17.33 -3.95 12.90
HG3 MLY A 219 18.06 -3.24 11.56
HD2 MLY A 219 20.08 -3.54 12.61
HD3 MLY A 219 19.60 -4.73 13.68
HE2 MLY A 219 18.36 -2.93 14.74
HE3 MLY A 219 18.94 -1.77 13.69
HH11 MLY A 219 20.80 -3.07 17.14
HH12 MLY A 219 19.88 -4.28 16.20
HH13 MLY A 219 19.06 -2.85 16.85
HH21 MLY A 219 22.33 -2.87 15.44
HH22 MLY A 219 21.86 -2.33 13.81
HH23 MLY A 219 21.49 -3.99 14.35
N MLY A 220 18.32 -6.89 8.89
CA MLY A 220 18.64 -8.15 8.21
CB MLY A 220 18.96 -7.91 6.73
CG MLY A 220 18.35 -9.00 5.84
CD MLY A 220 19.01 -9.10 4.47
CE MLY A 220 18.39 -10.25 3.67
NZ MLY A 220 18.21 -9.95 2.20
CH1 MLY A 220 19.19 -10.77 1.48
CH2 MLY A 220 16.88 -10.45 1.83
C MLY A 220 19.83 -8.83 8.89
O MLY A 220 19.65 -9.65 9.79
HA MLY A 220 17.88 -8.75 8.26
HB2 MLY A 220 19.92 -7.93 6.60
HB3 MLY A 220 18.57 -6.94 6.43
HG2 MLY A 220 17.42 -8.79 5.70
HG3 MLY A 220 18.44 -9.95 6.35
HD2 MLY A 220 19.95 -9.28 4.57
HD3 MLY A 220 18.87 -8.16 3.92
HE2 MLY A 220 17.51 -10.43 4.03
HE3 MLY A 220 19.01 -11.13 3.79
HH11 MLY A 220 19.10 -10.58 0.41
HH12 MLY A 220 19.02 -11.82 1.68
HH13 MLY A 220 20.20 -10.51 1.80
HH21 MLY A 220 16.76 -10.35 0.75
HH22 MLY A 220 16.11 -9.86 2.33
HH23 MLY A 220 16.78 -11.49 2.11
N SAU B . 7.74 -12.87 -1.43
C1 SAU B . 7.97 -12.71 -7.86
O1 SAU B . 8.51 -12.39 -6.60
C2 SAU B . 6.35 -12.90 -6.29
O2 SAU B . 6.58 -12.80 -7.65
C3 SAU B . 7.54 -12.68 -5.65
O3 SAU B . 6.05 -13.87 4.10
C4 SAU B . 5.15 -13.17 -5.60
O4 SAU B . 7.79 -13.13 2.90
C5 SAU B . 5.24 -13.22 -4.20
C6 SAU B . 6.47 -13.01 -3.55
C7 SAU B . 7.63 -12.73 -4.28
C8 SAU B . 4.08 -13.50 -3.48
C9 SAU B . 4.11 -13.59 -2.10
C10 SAU B . 6.53 -13.11 -2.11
C12 SAU B . 7.80 -13.03 -0.05
C13 SAU B . 6.59 -13.23 0.68
C14 SAU B . 5.42 -13.47 0.02
C15 SAU B . 5.36 -13.37 -1.40
C18 SAU B . 4.34 -13.92 0.76
C19 SAU B . 4.40 -14.03 2.15
C20 SAU B . 5.62 -13.76 2.77
C21 SAU B . 6.70 -13.36 2.06
C23 SAU B . 7.45 -13.83 4.11
C25 SAU B . 9.16 -12.68 -1.71
H1 SAU B . 8.32 -13.56 -8.19
H1A SAU B . 8.17 -12.00 -8.50
H4 SAU B . 4.35 -13.32 -6.04
H7 SAU B . 8.45 -12.60 -3.85
H8 SAU B . 3.29 -13.70 -3.94
H9 SAU B . 3.36 -13.86 -1.63
H12 SAU B . 8.60 -12.88 0.40
H18 SAU B . 3.51 -13.98 0.35
H19 SAU B . 3.62 -14.13 2.65
H23 SAU B . 7.76 -13.33 4.88
H23A SAU B . 7.81 -14.72 4.10
H25 SAU B . 9.57 -12.20 -0.97
H25A SAU B . 9.59 -13.54 -1.81
H25B SAU B . 9.26 -12.16 -2.53
C1 MLI C . 7.19 -10.50 -0.33
C2 MLI C . 8.43 -10.08 -1.09
C3 MLI C . 7.17 -10.02 1.09
O6 MLI C . 8.14 -9.35 -2.06
O7 MLI C . 9.64 -10.34 -0.85
O8 MLI C . 6.09 -9.48 1.35
O9 MLI C . 8.13 -10.11 1.88
H11 MLI C . 6.41 -10.14 -0.79
H12 MLI C . 7.13 -11.46 -0.33
#